data_5AXO
#
_entry.id   5AXO
#
_cell.length_a   36.900
_cell.length_b   41.170
_cell.length_c   45.320
_cell.angle_alpha   107.95
_cell.angle_beta   102.46
_cell.angle_gamma   106.85
#
_symmetry.space_group_name_H-M   'P 1'
#
loop_
_entity.id
_entity.type
_entity.pdbx_description
1 polymer Metallo-beta-lactamase
2 non-polymer 'ZINC ION'
3 non-polymer 'SODIUM ION'
4 non-polymer 'SULFATE ION'
5 non-polymer 2-AMINO-2-HYDROXYMETHYL-PROPANE-1,3-DIOL
6 non-polymer '(2~{S},3~{R},4~{S})-2-[(2~{S},3~{R})-1,3-bis(oxidanyl)-1-oxidanylidene-butan-2-yl]-4-[(3~{S},5~{S})-5-(dimethylcarbamoy l)pyrrolidin-3-yl]sulfanyl-3-methyl-3,4-dihydro-2~{H}-pyrrole-5-carboxylic acid'
7 water water
#
_entity_poly.entity_id   1
_entity_poly.type   'polypeptide(L)'
_entity_poly.pdbx_seq_one_letter_code
;QDRDWSSPQQPFTIYGNTHYVGTGGISAVLLSSPQGHILVDGTTEKGAQVVAANIRAMGFKLSDVKYILSTHSHEDHAGG
ISAMQKLTGATVLAGAANVDTLRTGVSPKSDPQFGSLSNFPGSAKVRAVADGELVKLGPLAVKAHATPGHTEGGITWTWQ
SCEQGKCKDVVFADSLTAVSADSYRFSDHPEVVASLRGSFEAVEKLSCDIAIAAHPEVNDMWTRQQRAAKEGNSAYVDNG
ACRAIAAAGRKRLETRLASEKR
;
_entity_poly.pdbx_strand_id   A
#
loop_
_chem_comp.id
_chem_comp.type
_chem_comp.name
_chem_comp.formula
LMP non-polymer '(2~{S},3~{R},4~{S})-2-[(2~{S},3~{R})-1,3-bis(oxidanyl)-1-oxidanylidene-butan-2-yl]-4-[(3~{S},5~{S})-5-(dimethylcarbamoy l)pyrrolidin-3-yl]sulfanyl-3-methyl-3,4-dihydro-2~{H}-pyrrole-5-carboxylic acid' 'C17 H27 N3 O6 S'
NA non-polymer 'SODIUM ION' 'Na 1'
SO4 non-polymer 'SULFATE ION' 'O4 S -2'
TRS non-polymer 2-AMINO-2-HYDROXYMETHYL-PROPANE-1,3-DIOL 'C4 H12 N O3 1'
ZN non-polymer 'ZINC ION' 'Zn 2'
#
# COMPACT_ATOMS: atom_id res chain seq x y z
N ARG A 3 1.46 -6.20 -17.30
CA ARG A 3 1.47 -5.74 -15.87
C ARG A 3 1.08 -4.26 -15.79
N ASP A 4 0.10 -3.89 -16.59
CA ASP A 4 -0.58 -2.61 -16.46
C ASP A 4 -1.28 -2.51 -15.10
N TRP A 5 -1.62 -1.29 -14.71
CA TRP A 5 -2.19 -1.04 -13.38
C TRP A 5 -3.52 -1.80 -13.16
N SER A 6 -4.26 -2.02 -14.24
CA SER A 6 -5.58 -2.64 -14.15
C SER A 6 -5.59 -4.08 -14.63
N SER A 7 -4.43 -4.65 -14.91
CA SER A 7 -4.40 -5.95 -15.58
C SER A 7 -4.87 -7.06 -14.63
N PRO A 8 -5.55 -8.05 -15.19
CA PRO A 8 -5.76 -9.27 -14.40
C PRO A 8 -4.47 -9.90 -13.90
N GLN A 9 -4.57 -10.56 -12.74
CA GLN A 9 -3.47 -11.26 -12.16
C GLN A 9 -4.02 -12.38 -11.26
N GLN A 10 -3.65 -13.62 -11.48
CA GLN A 10 -4.18 -14.74 -10.70
C GLN A 10 -3.72 -14.57 -9.28
N PRO A 11 -4.64 -14.60 -8.31
CA PRO A 11 -4.20 -14.32 -6.93
C PRO A 11 -3.43 -15.50 -6.36
N PHE A 12 -2.73 -15.26 -5.28
CA PHE A 12 -1.87 -16.28 -4.71
C PHE A 12 -1.65 -15.97 -3.26
N THR A 13 -1.38 -17.00 -2.46
CA THR A 13 -1.06 -16.81 -1.05
C THR A 13 0.42 -16.55 -0.93
N ILE A 14 0.81 -15.51 -0.22
CA ILE A 14 2.20 -15.19 0.03
C ILE A 14 2.63 -15.93 1.29
N TYR A 15 1.89 -15.85 2.38
CA TYR A 15 2.28 -16.53 3.61
C TYR A 15 1.11 -16.59 4.55
N GLY A 16 0.73 -17.77 4.99
CA GLY A 16 -0.35 -17.93 5.96
C GLY A 16 -1.64 -17.39 5.40
N ASN A 17 -2.19 -16.40 6.10
CA ASN A 17 -3.42 -15.73 5.76
C ASN A 17 -3.25 -14.42 4.96
N THR A 18 -2.06 -14.21 4.43
CA THR A 18 -1.75 -13.07 3.57
C THR A 18 -1.78 -13.49 2.11
N HIS A 19 -2.68 -12.89 1.38
CA HIS A 19 -2.92 -13.27 -0.03
C HIS A 19 -2.76 -12.05 -0.91
N TYR A 20 -2.08 -12.21 -2.04
CA TYR A 20 -2.02 -11.17 -3.06
C TYR A 20 -3.24 -11.26 -3.91
N VAL A 21 -4.00 -10.17 -4.00
CA VAL A 21 -5.26 -10.08 -4.77
C VAL A 21 -5.31 -8.92 -5.73
N GLY A 22 -4.15 -8.26 -5.89
CA GLY A 22 -4.04 -7.12 -6.77
C GLY A 22 -3.97 -7.42 -8.24
N THR A 23 -3.63 -6.38 -9.01
CA THR A 23 -3.53 -6.50 -10.45
C THR A 23 -2.11 -6.90 -10.80
N GLY A 24 -1.86 -6.99 -12.11
CA GLY A 24 -0.49 -7.25 -12.54
C GLY A 24 0.51 -6.17 -12.18
N GLY A 25 0.03 -4.94 -12.02
CA GLY A 25 0.86 -3.79 -11.80
C GLY A 25 0.79 -3.15 -10.45
N ILE A 26 -0.28 -3.40 -9.70
CA ILE A 26 -0.49 -2.71 -8.42
C ILE A 26 -0.84 -3.74 -7.35
N SER A 27 -0.19 -3.69 -6.21
CA SER A 27 -0.46 -4.60 -5.11
C SER A 27 -1.80 -4.31 -4.46
N ALA A 28 -2.50 -5.40 -4.10
CA ALA A 28 -3.52 -5.32 -3.08
C ALA A 28 -3.44 -6.63 -2.33
N VAL A 29 -3.71 -6.63 -1.03
CA VAL A 29 -3.54 -7.80 -0.17
C VAL A 29 -4.81 -8.04 0.61
N LEU A 30 -5.25 -9.28 0.65
CA LEU A 30 -6.32 -9.73 1.55
C LEU A 30 -5.68 -10.45 2.71
N LEU A 31 -5.95 -9.95 3.91
CA LEU A 31 -5.56 -10.60 5.15
C LEU A 31 -6.81 -11.26 5.72
N SER A 32 -6.87 -12.58 5.65
CA SER A 32 -8.12 -13.33 5.91
C SER A 32 -8.24 -13.84 7.34
N SER A 33 -9.49 -14.07 7.76
CA SER A 33 -9.78 -14.77 8.98
C SER A 33 -11.18 -15.35 8.91
N PRO A 34 -11.48 -16.27 9.85
CA PRO A 34 -12.84 -16.78 9.90
C PRO A 34 -13.83 -15.72 10.34
N GLN A 35 -13.40 -14.67 10.99
CA GLN A 35 -14.30 -13.60 11.45
C GLN A 35 -14.39 -12.44 10.48
N GLY A 36 -13.77 -12.59 9.33
CA GLY A 36 -13.75 -11.56 8.30
C GLY A 36 -12.36 -11.05 8.03
N HIS A 37 -12.29 -10.22 6.98
CA HIS A 37 -11.05 -9.94 6.27
C HIS A 37 -10.75 -8.47 6.19
N ILE A 38 -9.47 -8.16 5.98
CA ILE A 38 -8.97 -6.83 5.75
C ILE A 38 -8.39 -6.79 4.36
N LEU A 39 -8.72 -5.80 3.55
CA LEU A 39 -8.16 -5.59 2.24
C LEU A 39 -7.26 -4.35 2.28
N VAL A 40 -6.01 -4.51 1.83
CA VAL A 40 -5.11 -3.36 1.68
C VAL A 40 -5.01 -2.92 0.23
N ASP A 41 -5.53 -1.71 0.01
CA ASP A 41 -5.58 -0.99 -1.26
C ASP A 41 -6.62 -1.57 -2.19
N GLY A 42 -6.96 -0.76 -3.21
CA GLY A 42 -7.98 -1.14 -4.19
C GLY A 42 -7.55 -1.18 -5.64
N THR A 43 -6.28 -0.84 -5.91
CA THR A 43 -5.82 -0.62 -7.28
C THR A 43 -6.65 0.49 -7.95
N THR A 44 -6.77 0.40 -9.26
CA THR A 44 -7.49 1.42 -10.06
C THR A 44 -8.97 1.17 -10.03
N GLU A 45 -9.74 2.12 -10.61
CA GLU A 45 -11.16 1.95 -10.72
C GLU A 45 -11.46 0.67 -11.53
N LYS A 46 -10.83 0.52 -12.70
CA LYS A 46 -11.06 -0.70 -13.48
C LYS A 46 -10.54 -1.93 -12.71
N GLY A 47 -9.45 -1.74 -11.99
CA GLY A 47 -8.83 -2.82 -11.22
C GLY A 47 -9.69 -3.36 -10.10
N ALA A 48 -10.66 -2.57 -9.61
CA ALA A 48 -11.52 -3.08 -8.53
C ALA A 48 -12.22 -4.38 -9.01
N GLN A 49 -12.57 -4.48 -10.28
CA GLN A 49 -13.25 -5.67 -10.75
C GLN A 49 -12.32 -6.88 -10.73
N VAL A 50 -11.04 -6.65 -10.94
CA VAL A 50 -10.01 -7.68 -10.80
C VAL A 50 -9.88 -8.08 -9.32
N VAL A 51 -9.68 -7.10 -8.45
CA VAL A 51 -9.56 -7.36 -7.03
C VAL A 51 -10.72 -8.17 -6.52
N ALA A 52 -11.95 -7.76 -6.84
CA ALA A 52 -13.13 -8.47 -6.37
C ALA A 52 -13.18 -9.92 -6.84
N ALA A 53 -12.90 -10.16 -8.11
CA ALA A 53 -12.86 -11.50 -8.65
C ALA A 53 -11.76 -12.32 -7.98
N ASN A 54 -10.63 -11.66 -7.72
CA ASN A 54 -9.51 -12.32 -7.08
C ASN A 54 -9.84 -12.79 -5.65
N ILE A 55 -10.49 -11.93 -4.87
CA ILE A 55 -10.87 -12.30 -3.49
C ILE A 55 -11.80 -13.50 -3.57
N ARG A 56 -12.77 -13.49 -4.47
CA ARG A 56 -13.65 -14.65 -4.63
C ARG A 56 -12.88 -15.89 -5.07
N ALA A 57 -11.92 -15.71 -5.96
CA ALA A 57 -11.12 -16.85 -6.43
C ALA A 57 -10.34 -17.49 -5.29
N MET A 58 -9.96 -16.69 -4.28
CA MET A 58 -9.27 -17.26 -3.11
C MET A 58 -10.23 -17.87 -2.09
N GLY A 59 -11.51 -17.91 -2.41
CA GLY A 59 -12.49 -18.62 -1.60
C GLY A 59 -13.25 -17.76 -0.63
N PHE A 60 -13.11 -16.44 -0.72
CA PHE A 60 -13.66 -15.55 0.29
C PHE A 60 -14.85 -14.79 -0.26
N LYS A 61 -15.68 -14.28 0.63
CA LYS A 61 -16.86 -13.49 0.27
C LYS A 61 -16.52 -12.01 0.44
N LEU A 62 -16.94 -11.21 -0.53
CA LEU A 62 -16.81 -9.77 -0.45
C LEU A 62 -17.45 -9.20 0.79
N SER A 63 -18.63 -9.73 1.14
CA SER A 63 -19.34 -9.21 2.30
C SER A 63 -18.61 -9.42 3.62
N ASP A 64 -17.61 -10.30 3.64
CA ASP A 64 -16.81 -10.53 4.83
C ASP A 64 -15.56 -9.61 4.93
N VAL A 65 -15.35 -8.75 3.92
CA VAL A 65 -14.27 -7.76 3.99
C VAL A 65 -14.76 -6.58 4.82
N LYS A 66 -14.18 -6.40 6.00
CA LYS A 66 -14.68 -5.42 6.99
C LYS A 66 -13.97 -4.08 6.96
N TYR A 67 -12.69 -4.11 6.59
CA TYR A 67 -11.89 -2.88 6.49
C TYR A 67 -11.16 -2.89 5.15
N ILE A 68 -11.01 -1.72 4.57
CA ILE A 68 -10.09 -1.46 3.46
C ILE A 68 -9.11 -0.45 3.96
N LEU A 69 -7.84 -0.79 3.92
CA LEU A 69 -6.75 0.06 4.38
C LEU A 69 -6.09 0.71 3.18
N SER A 70 -5.87 2.01 3.20
CA SER A 70 -5.27 2.72 2.09
C SER A 70 -3.82 3.07 2.42
N THR A 71 -2.89 2.72 1.56
CA THR A 71 -1.57 3.28 1.62
C THR A 71 -1.56 4.77 1.32
N HIS A 72 -1.89 5.15 0.10
CA HIS A 72 -2.07 6.56 -0.18
C HIS A 72 -3.02 6.79 -1.34
N SER A 73 -3.38 8.05 -1.46
CA SER A 73 -4.57 8.49 -2.19
C SER A 73 -4.26 8.98 -3.60
N HIS A 74 -3.69 8.07 -4.43
CA HIS A 74 -3.58 8.33 -5.88
C HIS A 74 -4.38 7.26 -6.65
N GLU A 75 -4.73 7.57 -7.90
CA GLU A 75 -5.63 6.72 -8.63
C GLU A 75 -5.14 5.30 -8.77
N ASP A 76 -3.84 5.10 -8.88
CA ASP A 76 -3.30 3.75 -9.10
C ASP A 76 -3.47 2.79 -7.90
N HIS A 77 -3.45 3.31 -6.67
CA HIS A 77 -3.64 2.51 -5.48
C HIS A 77 -5.03 2.58 -4.92
N ALA A 78 -5.66 3.73 -5.01
CA ALA A 78 -6.91 4.08 -4.35
C ALA A 78 -8.09 4.15 -5.30
N GLY A 79 -7.83 4.14 -6.60
CA GLY A 79 -8.90 4.36 -7.58
C GLY A 79 -10.02 3.34 -7.49
N GLY A 80 -9.70 2.12 -7.05
CA GLY A 80 -10.66 1.07 -6.88
C GLY A 80 -11.28 0.97 -5.49
N ILE A 81 -10.85 1.79 -4.54
CA ILE A 81 -11.33 1.67 -3.18
C ILE A 81 -12.84 1.96 -3.13
N SER A 82 -13.34 2.96 -3.83
CA SER A 82 -14.75 3.30 -3.74
C SER A 82 -15.59 2.15 -4.16
N ALA A 83 -15.25 1.58 -5.30
CA ALA A 83 -16.00 0.44 -5.78
C ALA A 83 -15.94 -0.71 -4.82
N MET A 84 -14.75 -1.04 -4.35
CA MET A 84 -14.59 -2.09 -3.36
C MET A 84 -15.41 -1.81 -2.11
N GLN A 85 -15.43 -0.58 -1.65
CA GLN A 85 -16.21 -0.20 -0.45
C GLN A 85 -17.72 -0.48 -0.68
N LYS A 86 -18.20 -0.17 -1.86
CA LYS A 86 -19.62 -0.46 -2.16
C LYS A 86 -19.88 -1.95 -2.23
N LEU A 87 -18.97 -2.73 -2.79
CA LEU A 87 -19.17 -4.17 -2.92
C LEU A 87 -19.09 -4.90 -1.61
N THR A 88 -18.37 -4.33 -0.63
CA THR A 88 -18.09 -5.03 0.62
C THR A 88 -18.89 -4.51 1.78
N GLY A 89 -19.20 -3.21 1.77
CA GLY A 89 -19.71 -2.53 2.95
C GLY A 89 -18.65 -2.10 3.94
N ALA A 90 -17.36 -2.31 3.59
CA ALA A 90 -16.27 -2.06 4.51
C ALA A 90 -16.08 -0.58 4.88
N THR A 91 -15.43 -0.39 6.01
CA THR A 91 -14.93 0.93 6.39
C THR A 91 -13.53 1.13 5.85
N VAL A 92 -13.27 2.29 5.29
CA VAL A 92 -11.97 2.65 4.72
C VAL A 92 -11.14 3.43 5.72
N LEU A 93 -9.91 2.97 5.99
CA LEU A 93 -9.03 3.64 6.93
C LEU A 93 -7.80 4.20 6.27
N ALA A 94 -7.42 5.40 6.64
CA ALA A 94 -6.32 6.12 5.98
C ALA A 94 -5.68 7.11 6.91
N GLY A 95 -4.47 7.53 6.58
CA GLY A 95 -3.84 8.64 7.28
C GLY A 95 -4.70 9.88 7.24
N ALA A 96 -4.63 10.65 8.33
CA ALA A 96 -5.51 11.81 8.46
C ALA A 96 -5.53 12.71 7.25
N ALA A 97 -4.32 13.06 6.79
CA ALA A 97 -4.24 14.04 5.71
C ALA A 97 -4.68 13.56 4.34
N ASN A 98 -4.93 12.25 4.20
CA ASN A 98 -5.41 11.71 2.95
C ASN A 98 -6.91 11.43 2.95
N VAL A 99 -7.52 11.54 4.13
CA VAL A 99 -8.95 11.25 4.21
C VAL A 99 -9.82 12.04 3.20
N ASP A 100 -9.59 13.34 3.12
CA ASP A 100 -10.38 14.16 2.24
CA ASP A 100 -10.38 14.19 2.22
C ASP A 100 -10.15 13.84 0.76
N THR A 101 -8.91 13.42 0.43
CA THR A 101 -8.61 13.02 -0.92
C THR A 101 -9.34 11.73 -1.28
N LEU A 102 -9.39 10.78 -0.33
CA LEU A 102 -10.12 9.53 -0.61
C LEU A 102 -11.62 9.81 -0.76
N ARG A 103 -12.16 10.73 0.03
CA ARG A 103 -13.60 11.04 -0.07
C ARG A 103 -13.96 11.69 -1.38
N THR A 104 -13.08 12.55 -1.90
CA THR A 104 -13.41 13.35 -3.08
C THR A 104 -12.81 12.81 -4.38
N GLY A 105 -11.73 12.06 -4.25
CA GLY A 105 -10.94 11.59 -5.37
C GLY A 105 -10.08 12.65 -6.03
N VAL A 106 -9.82 13.74 -5.33
CA VAL A 106 -9.03 14.85 -5.85
C VAL A 106 -7.86 15.17 -4.90
N SER A 107 -6.64 14.97 -5.40
CA SER A 107 -5.45 15.28 -4.62
C SER A 107 -5.26 16.81 -4.48
N PRO A 108 -4.77 17.29 -3.33
CA PRO A 108 -4.66 18.71 -3.08
C PRO A 108 -3.34 19.29 -3.53
N LYS A 109 -3.25 20.62 -3.47
CA LYS A 109 -2.09 21.33 -3.96
C LYS A 109 -0.83 21.03 -3.19
N SER A 110 -0.92 20.50 -1.98
CA SER A 110 0.27 20.12 -1.26
C SER A 110 0.98 18.91 -1.86
N ASP A 111 0.27 18.10 -2.66
CA ASP A 111 0.87 16.96 -3.34
C ASP A 111 1.89 17.41 -4.39
N PRO A 112 3.13 16.89 -4.34
CA PRO A 112 4.14 17.28 -5.33
C PRO A 112 3.70 17.03 -6.75
N GLN A 113 2.80 16.05 -6.98
CA GLN A 113 2.32 15.78 -8.32
C GLN A 113 1.10 16.62 -8.72
N PHE A 114 0.62 17.51 -7.87
CA PHE A 114 -0.55 18.36 -8.19
C PHE A 114 -0.31 19.10 -9.49
N GLY A 115 -1.31 19.03 -10.36
CA GLY A 115 -1.21 19.52 -11.74
C GLY A 115 -1.05 18.40 -12.77
N SER A 116 -0.66 17.22 -12.33
CA SER A 116 -0.38 16.11 -13.23
CA SER A 116 -0.37 16.09 -13.21
C SER A 116 -1.10 14.81 -12.81
N LEU A 117 -1.86 14.86 -11.71
CA LEU A 117 -2.61 13.68 -11.27
C LEU A 117 -3.98 13.61 -11.91
N SER A 118 -4.48 12.39 -12.09
CA SER A 118 -5.88 12.22 -12.53
C SER A 118 -6.75 11.90 -11.33
N ASN A 119 -7.95 12.50 -11.31
CA ASN A 119 -8.90 12.26 -10.26
C ASN A 119 -9.44 10.84 -10.34
N PHE A 120 -9.96 10.35 -9.22
CA PHE A 120 -10.50 8.99 -9.18
C PHE A 120 -11.82 9.02 -8.36
N PRO A 121 -12.55 7.89 -8.31
CA PRO A 121 -13.88 7.98 -7.68
C PRO A 121 -13.74 8.18 -6.17
N GLY A 122 -14.51 9.10 -5.61
CA GLY A 122 -14.54 9.26 -4.19
C GLY A 122 -15.21 8.10 -3.48
N SER A 123 -14.73 7.79 -2.27
CA SER A 123 -15.22 6.68 -1.45
C SER A 123 -16.10 7.19 -0.33
N ALA A 124 -17.05 6.36 0.06
CA ALA A 124 -17.77 6.49 1.31
C ALA A 124 -17.00 5.86 2.46
N LYS A 125 -17.43 6.19 3.68
CA LYS A 125 -17.01 5.53 4.92
C LYS A 125 -15.50 5.60 5.17
N VAL A 126 -14.91 6.76 4.91
CA VAL A 126 -13.48 6.97 5.13
C VAL A 126 -13.26 7.52 6.53
N ARG A 127 -12.34 6.92 7.26
CA ARG A 127 -12.02 7.34 8.61
C ARG A 127 -10.49 7.43 8.76
N ALA A 128 -10.03 8.25 9.69
CA ALA A 128 -8.59 8.44 9.91
C ALA A 128 -8.05 7.43 10.93
N VAL A 129 -6.78 7.08 10.78
CA VAL A 129 -5.99 6.35 11.82
C VAL A 129 -4.72 7.16 12.08
N ALA A 130 -4.17 6.99 13.28
CA ALA A 130 -2.97 7.68 13.69
C ALA A 130 -1.74 6.81 13.58
N ASP A 131 -0.58 7.45 13.54
CA ASP A 131 0.66 6.72 13.63
C ASP A 131 0.64 5.77 14.80
N GLY A 132 1.05 4.52 14.57
CA GLY A 132 1.12 3.53 15.63
C GLY A 132 -0.18 2.81 15.94
N GLU A 133 -1.30 3.29 15.39
CA GLU A 133 -2.60 2.74 15.77
C GLU A 133 -2.83 1.31 15.29
N LEU A 134 -3.44 0.48 16.12
CA LEU A 134 -3.85 -0.87 15.75
C LEU A 134 -5.24 -0.98 15.24
N VAL A 135 -5.41 -1.67 14.12
CA VAL A 135 -6.70 -2.01 13.54
C VAL A 135 -6.96 -3.47 13.81
N LYS A 136 -8.03 -3.78 14.54
CA LYS A 136 -8.32 -5.12 14.98
C LYS A 136 -9.60 -5.62 14.36
N LEU A 137 -9.58 -6.88 13.95
CA LEU A 137 -10.77 -7.57 13.47
C LEU A 137 -10.65 -9.02 13.77
N GLY A 138 -11.44 -9.51 14.74
CA GLY A 138 -11.25 -10.87 15.22
C GLY A 138 -9.82 -11.05 15.62
N PRO A 139 -9.15 -12.08 15.07
CA PRO A 139 -7.76 -12.35 15.44
C PRO A 139 -6.74 -11.48 14.69
N LEU A 140 -7.20 -10.64 13.77
CA LEU A 140 -6.30 -9.81 12.97
C LEU A 140 -5.92 -8.57 13.73
N ALA A 141 -4.66 -8.18 13.56
CA ALA A 141 -4.13 -6.96 14.16
C ALA A 141 -3.12 -6.31 13.25
N VAL A 142 -3.52 -5.20 12.67
CA VAL A 142 -2.73 -4.51 11.67
C VAL A 142 -2.32 -3.15 12.23
N LYS A 143 -1.06 -2.81 12.19
CA LYS A 143 -0.57 -1.52 12.76
C LYS A 143 -0.34 -0.55 11.61
N ALA A 144 -0.79 0.68 11.82
CA ALA A 144 -0.52 1.81 10.92
C ALA A 144 0.78 2.48 11.30
N HIS A 145 1.62 2.73 10.32
CA HIS A 145 2.82 3.55 10.46
C HIS A 145 2.76 4.73 9.52
N ALA A 146 2.81 5.95 10.06
CA ALA A 146 2.84 7.12 9.21
C ALA A 146 4.12 7.12 8.38
N THR A 147 3.95 7.15 7.04
CA THR A 147 5.07 7.23 6.12
C THR A 147 4.76 8.28 5.07
N PRO A 148 4.68 9.55 5.48
CA PRO A 148 4.38 10.65 4.57
C PRO A 148 5.55 10.98 3.63
N GLY A 149 5.26 11.74 2.60
CA GLY A 149 6.28 12.30 1.74
C GLY A 149 5.84 12.26 0.30
N HIS A 150 5.45 11.07 -0.17
CA HIS A 150 4.84 10.91 -1.46
C HIS A 150 3.40 11.49 -1.41
N THR A 151 2.74 11.35 -0.24
CA THR A 151 1.53 12.08 0.08
C THR A 151 1.64 12.39 1.58
N GLU A 152 0.84 13.36 2.04
CA GLU A 152 0.93 13.72 3.45
C GLU A 152 0.35 12.63 4.35
N GLY A 153 -0.68 11.91 3.88
CA GLY A 153 -1.35 10.91 4.70
C GLY A 153 -0.91 9.48 4.44
N GLY A 154 0.28 9.28 3.87
CA GLY A 154 0.70 7.90 3.50
C GLY A 154 0.85 7.04 4.72
N ILE A 155 0.35 5.80 4.64
CA ILE A 155 0.49 4.84 5.72
C ILE A 155 1.12 3.56 5.16
N THR A 156 2.06 3.03 5.90
CA THR A 156 2.61 1.66 5.70
C THR A 156 2.04 0.76 6.80
N TRP A 157 1.55 -0.40 6.39
CA TRP A 157 0.73 -1.25 7.30
C TRP A 157 1.51 -2.53 7.60
N THR A 158 1.46 -2.99 8.85
CA THR A 158 2.24 -4.17 9.28
C THR A 158 1.39 -5.13 10.09
N TRP A 159 1.68 -6.40 9.96
CA TRP A 159 1.01 -7.47 10.73
C TRP A 159 1.91 -8.69 10.77
N GLN A 160 1.43 -9.71 11.47
CA GLN A 160 2.04 -11.03 11.51
C GLN A 160 1.14 -12.07 10.89
N SER A 161 1.69 -12.93 10.04
CA SER A 161 0.97 -14.08 9.52
C SER A 161 1.73 -15.31 9.86
N CYS A 162 0.98 -16.39 10.10
CA CYS A 162 1.58 -17.63 10.62
C CYS A 162 1.06 -18.84 9.84
N GLU A 163 1.91 -19.86 9.80
CA GLU A 163 1.54 -21.16 9.24
C GLU A 163 1.92 -22.23 10.28
N GLN A 164 0.93 -22.90 10.85
CA GLN A 164 1.13 -23.91 11.93
C GLN A 164 2.11 -23.37 13.00
N GLY A 165 1.92 -22.09 13.31
CA GLY A 165 2.62 -21.47 14.40
C GLY A 165 4.01 -20.93 14.07
N LYS A 166 4.41 -21.01 12.80
CA LYS A 166 5.64 -20.36 12.33
C LYS A 166 5.26 -19.02 11.70
N CYS A 167 5.66 -17.93 12.35
CA CYS A 167 5.14 -16.61 11.99
C CYS A 167 6.19 -15.73 11.33
N LYS A 168 5.73 -14.80 10.48
CA LYS A 168 6.54 -13.80 9.84
C LYS A 168 5.90 -12.46 10.01
N ASP A 169 6.76 -11.45 10.11
CA ASP A 169 6.33 -10.03 10.06
C ASP A 169 6.22 -9.54 8.63
N VAL A 170 5.02 -9.12 8.29
CA VAL A 170 4.66 -8.71 6.93
C VAL A 170 4.45 -7.20 6.94
N VAL A 171 4.97 -6.55 5.91
CA VAL A 171 4.87 -5.11 5.71
C VAL A 171 4.29 -4.83 4.35
N PHE A 172 3.20 -4.07 4.29
CA PHE A 172 2.69 -3.51 3.04
C PHE A 172 3.24 -2.10 2.99
N ALA A 173 4.23 -1.92 2.12
CA ALA A 173 5.06 -0.73 2.12
C ALA A 173 4.45 0.32 1.18
N ASP A 174 4.04 1.46 1.73
CA ASP A 174 3.64 2.59 0.94
C ASP A 174 4.79 3.05 0.09
N SER A 175 4.45 3.77 -0.96
CA SER A 175 5.45 4.42 -1.81
CA SER A 175 5.46 4.43 -1.79
C SER A 175 6.19 5.52 -1.06
N LEU A 176 7.49 5.56 -1.25
CA LEU A 176 8.38 6.53 -0.63
C LEU A 176 9.05 7.43 -1.68
N THR A 177 8.42 7.57 -2.84
CA THR A 177 9.08 8.16 -3.99
C THR A 177 8.82 9.64 -4.17
N ALA A 178 9.91 10.34 -4.38
CA ALA A 178 9.88 11.77 -4.72
C ALA A 178 9.66 11.98 -6.20
N VAL A 179 8.40 12.15 -6.56
CA VAL A 179 8.02 12.47 -7.94
C VAL A 179 7.16 13.70 -7.96
N SER A 180 7.23 14.45 -9.05
CA SER A 180 6.46 15.69 -9.07
C SER A 180 6.01 16.11 -10.44
N ALA A 181 5.12 17.08 -10.44
CA ALA A 181 4.84 17.85 -11.64
C ALA A 181 6.08 18.62 -12.06
N ASP A 182 6.11 19.03 -13.32
CA ASP A 182 7.25 19.82 -13.84
C ASP A 182 7.47 21.12 -13.12
N SER A 183 6.39 21.75 -12.69
CA SER A 183 6.45 23.01 -12.01
C SER A 183 6.85 22.96 -10.54
N TYR A 184 7.22 21.77 -10.02
CA TYR A 184 7.43 21.61 -8.55
C TYR A 184 8.89 21.42 -8.23
N ARG A 185 9.38 22.16 -7.22
CA ARG A 185 10.74 22.06 -6.76
C ARG A 185 10.71 21.54 -5.34
N PHE A 186 11.29 20.35 -5.15
CA PHE A 186 11.37 19.75 -3.81
C PHE A 186 12.16 20.64 -2.88
N SER A 187 13.21 21.27 -3.40
CA SER A 187 14.08 22.11 -2.60
C SER A 187 13.35 23.34 -2.04
N ASP A 188 12.13 23.60 -2.47
CA ASP A 188 11.36 24.73 -1.98
C ASP A 188 10.35 24.29 -0.93
N HIS A 189 10.22 22.98 -0.71
CA HIS A 189 9.15 22.40 0.11
C HIS A 189 9.72 21.58 1.26
N PRO A 190 10.13 22.26 2.32
CA PRO A 190 10.87 21.53 3.36
C PRO A 190 10.03 20.50 4.11
N GLU A 191 8.73 20.69 4.20
CA GLU A 191 7.90 19.75 4.92
C GLU A 191 7.88 18.39 4.17
N VAL A 192 7.82 18.42 2.83
CA VAL A 192 7.82 17.19 2.06
C VAL A 192 9.14 16.48 2.13
N VAL A 193 10.24 17.23 2.03
CA VAL A 193 11.55 16.61 2.15
C VAL A 193 11.74 15.99 3.53
N ALA A 194 11.40 16.77 4.59
CA ALA A 194 11.50 16.23 5.94
C ALA A 194 10.66 14.97 6.14
N SER A 195 9.44 15.01 5.61
CA SER A 195 8.55 13.86 5.71
C SER A 195 9.16 12.62 5.04
N LEU A 196 9.62 12.78 3.82
CA LEU A 196 10.27 11.69 3.13
C LEU A 196 11.43 11.12 3.91
N ARG A 197 12.26 12.01 4.46
CA ARG A 197 13.41 11.50 5.20
C ARG A 197 12.99 10.75 6.45
N GLY A 198 12.02 11.27 7.18
CA GLY A 198 11.54 10.56 8.36
C GLY A 198 10.93 9.22 7.97
N SER A 199 10.32 9.15 6.81
CA SER A 199 9.74 7.88 6.39
C SER A 199 10.78 6.86 5.97
N PHE A 200 11.87 7.29 5.37
CA PHE A 200 12.91 6.34 5.04
C PHE A 200 13.46 5.73 6.33
N GLU A 201 13.62 6.58 7.35
CA GLU A 201 14.13 6.13 8.65
CA GLU A 201 14.12 6.13 8.65
C GLU A 201 13.13 5.17 9.32
N ALA A 202 11.84 5.47 9.26
CA ALA A 202 10.87 4.58 9.89
C ALA A 202 10.82 3.22 9.21
N VAL A 203 10.84 3.22 7.88
CA VAL A 203 10.69 1.99 7.13
C VAL A 203 11.90 1.09 7.28
N GLU A 204 13.07 1.69 7.30
CA GLU A 204 14.28 0.87 7.45
C GLU A 204 14.41 0.30 8.86
N LYS A 205 13.64 0.78 9.83
CA LYS A 205 13.64 0.21 11.18
C LYS A 205 12.56 -0.86 11.41
N LEU A 206 11.59 -1.03 10.51
CA LEU A 206 10.46 -1.95 10.71
C LEU A 206 10.95 -3.39 10.81
N SER A 207 10.34 -4.16 11.69
CA SER A 207 10.45 -5.61 11.57
CA SER A 207 10.39 -5.62 11.61
C SER A 207 9.78 -6.07 10.28
N CYS A 208 10.53 -6.75 9.44
CA CYS A 208 10.18 -6.86 8.04
C CYS A 208 10.66 -8.14 7.40
N ASP A 209 9.99 -9.24 7.67
CA ASP A 209 10.35 -10.50 7.03
C ASP A 209 9.90 -10.52 5.59
N ILE A 210 8.67 -10.07 5.33
CA ILE A 210 8.11 -10.12 3.97
C ILE A 210 7.62 -8.72 3.67
N ALA A 211 8.16 -8.08 2.63
CA ALA A 211 7.67 -6.77 2.23
C ALA A 211 6.93 -6.90 0.93
N ILE A 212 5.72 -6.35 0.92
CA ILE A 212 4.90 -6.23 -0.26
C ILE A 212 4.80 -4.74 -0.56
N ALA A 213 5.43 -4.30 -1.66
CA ALA A 213 5.48 -2.90 -1.96
C ALA A 213 4.24 -2.52 -2.78
N ALA A 214 3.72 -1.32 -2.59
CA ALA A 214 2.51 -0.87 -3.31
C ALA A 214 2.59 -1.04 -4.84
N HIS A 215 3.76 -0.73 -5.37
CA HIS A 215 4.14 -1.16 -6.73
C HIS A 215 4.96 -2.43 -6.53
N PRO A 216 4.42 -3.59 -6.94
CA PRO A 216 4.98 -4.86 -6.46
C PRO A 216 6.41 -5.08 -6.89
N GLU A 217 6.74 -4.56 -8.06
CA GLU A 217 8.12 -4.73 -8.56
C GLU A 217 9.19 -4.00 -7.76
N VAL A 218 8.80 -3.07 -6.90
CA VAL A 218 9.73 -2.42 -6.04
C VAL A 218 10.50 -3.44 -5.22
N ASN A 219 9.84 -4.48 -4.73
CA ASN A 219 10.54 -5.57 -4.05
C ASN A 219 10.47 -6.86 -4.89
N ASP A 220 10.56 -6.69 -6.19
CA ASP A 220 10.74 -7.81 -7.12
C ASP A 220 9.71 -8.93 -6.94
N MET A 221 8.46 -8.56 -6.75
CA MET A 221 7.38 -9.55 -6.56
C MET A 221 7.35 -10.65 -7.59
N TRP A 222 7.51 -10.30 -8.85
CA TRP A 222 7.28 -11.31 -9.88
C TRP A 222 8.45 -12.27 -10.00
N THR A 223 9.67 -11.79 -9.85
CA THR A 223 10.82 -12.64 -9.72
C THR A 223 10.67 -13.54 -8.49
N ARG A 224 10.24 -13.00 -7.35
CA ARG A 224 10.02 -13.80 -6.16
C ARG A 224 8.97 -14.89 -6.41
N GLN A 225 7.87 -14.53 -7.02
CA GLN A 225 6.82 -15.54 -7.26
C GLN A 225 7.36 -16.65 -8.14
N GLN A 226 8.16 -16.32 -9.14
CA GLN A 226 8.73 -17.35 -10.03
C GLN A 226 9.66 -18.23 -9.22
N ARG A 227 10.43 -17.66 -8.32
CA ARG A 227 11.27 -18.45 -7.44
C ARG A 227 10.45 -19.34 -6.53
N ALA A 228 9.30 -18.85 -6.06
CA ALA A 228 8.47 -19.61 -5.14
C ALA A 228 7.91 -20.88 -5.75
N ALA A 229 7.80 -20.92 -7.07
CA ALA A 229 7.26 -22.12 -7.73
C ALA A 229 8.10 -23.32 -7.37
N LYS A 230 9.41 -23.10 -7.25
CA LYS A 230 10.38 -24.10 -6.89
C LYS A 230 10.59 -24.09 -5.37
N GLU A 231 10.94 -22.96 -4.79
CA GLU A 231 11.39 -22.99 -3.39
C GLU A 231 10.31 -22.74 -2.35
N GLY A 232 9.06 -22.56 -2.76
CA GLY A 232 8.00 -22.24 -1.81
C GLY A 232 8.07 -20.80 -1.32
N ASN A 233 7.29 -20.50 -0.30
CA ASN A 233 7.05 -19.11 0.04
C ASN A 233 8.19 -18.43 0.77
N SER A 234 9.23 -19.19 1.09
CA SER A 234 10.49 -18.59 1.50
C SER A 234 10.98 -17.55 0.48
N ALA A 235 10.64 -17.72 -0.80
CA ALA A 235 11.04 -16.77 -1.86
C ALA A 235 10.58 -15.35 -1.57
N TYR A 236 9.47 -15.18 -0.83
CA TYR A 236 8.95 -13.82 -0.52
C TYR A 236 9.68 -13.23 0.67
N VAL A 237 10.38 -14.06 1.43
CA VAL A 237 10.98 -13.67 2.68
C VAL A 237 12.36 -13.10 2.39
N ASP A 238 12.63 -11.95 2.97
CA ASP A 238 13.89 -11.23 2.84
C ASP A 238 13.84 -10.08 3.81
N ASN A 239 14.46 -10.30 4.98
CA ASN A 239 14.36 -9.35 6.07
C ASN A 239 15.17 -8.07 5.90
N GLY A 240 15.76 -7.90 4.70
CA GLY A 240 16.36 -6.65 4.34
C GLY A 240 15.54 -5.86 3.38
N ALA A 241 14.36 -6.33 3.01
CA ALA A 241 13.62 -5.68 1.95
C ALA A 241 13.11 -4.30 2.29
N CYS A 242 12.68 -4.09 3.52
CA CYS A 242 12.27 -2.74 3.93
C CYS A 242 13.45 -1.75 3.96
N ARG A 243 14.60 -2.23 4.39
CA ARG A 243 15.81 -1.43 4.31
C ARG A 243 16.12 -1.06 2.84
N ALA A 244 15.89 -1.97 1.92
CA ALA A 244 16.18 -1.72 0.51
C ALA A 244 15.15 -0.74 -0.05
N ILE A 245 13.87 -0.87 0.27
CA ILE A 245 12.88 0.08 -0.22
C ILE A 245 13.18 1.50 0.28
N ALA A 246 13.54 1.62 1.55
CA ALA A 246 13.97 2.87 2.12
C ALA A 246 15.18 3.47 1.42
N ALA A 247 16.18 2.63 1.15
CA ALA A 247 17.41 3.10 0.53
C ALA A 247 17.11 3.58 -0.84
N ALA A 248 16.26 2.91 -1.59
CA ALA A 248 15.90 3.36 -2.93
C ALA A 248 15.15 4.67 -2.87
N GLY A 249 14.31 4.84 -1.88
CA GLY A 249 13.59 6.11 -1.71
C GLY A 249 14.57 7.26 -1.47
N ARG A 250 15.49 7.02 -0.53
CA ARG A 250 16.53 7.98 -0.22
C ARG A 250 17.30 8.33 -1.48
N LYS A 251 17.74 7.30 -2.22
CA LYS A 251 18.48 7.57 -3.45
C LYS A 251 17.70 8.46 -4.45
N ARG A 252 16.44 8.13 -4.64
CA ARG A 252 15.62 8.91 -5.56
C ARG A 252 15.50 10.39 -5.12
N LEU A 253 15.31 10.62 -3.84
CA LEU A 253 15.26 11.99 -3.32
C LEU A 253 16.63 12.71 -3.43
N GLU A 254 17.72 12.04 -3.10
CA GLU A 254 19.01 12.68 -3.21
C GLU A 254 19.36 12.98 -4.65
N THR A 255 19.03 12.07 -5.56
CA THR A 255 19.27 12.33 -7.00
C THR A 255 18.48 13.57 -7.37
N ARG A 256 17.21 13.64 -6.96
CA ARG A 256 16.35 14.77 -7.32
C ARG A 256 16.87 16.09 -6.75
N LEU A 257 17.24 16.13 -5.48
CA LEU A 257 17.74 17.36 -4.86
C LEU A 257 19.01 17.81 -5.54
N ALA A 258 19.84 16.88 -5.95
CA ALA A 258 21.05 17.25 -6.69
C ALA A 258 20.72 17.85 -8.02
N SER A 259 19.74 17.30 -8.71
CA SER A 259 19.37 17.83 -10.03
C SER A 259 18.76 19.22 -9.94
N GLU A 260 18.27 19.60 -8.76
CA GLU A 260 17.60 20.90 -8.58
C GLU A 260 18.61 22.00 -8.22
N LYS A 261 19.82 21.64 -7.85
CA LYS A 261 20.82 22.65 -7.49
C LYS A 261 21.12 23.60 -8.65
ZN ZN B . 1.23 7.60 -5.62
ZN ZN C . 1.79 4.59 -7.40
NA NA D . -7.38 -11.57 -12.04
NA NA E . 4.70 -4.87 -11.67
NA NA F . 11.42 3.25 -2.66
NA NA G . 5.83 12.60 -4.79
NA NA H . -17.79 3.98 -1.71
NA NA I . -16.39 9.27 4.13
NA NA J . 14.32 -16.98 2.09
NA NA K . -3.34 6.35 4.19
NA NA L . -3.64 13.68 -0.06
NA NA M . -5.65 -18.41 4.83
S SO4 N . 12.69 4.25 -7.92
O1 SO4 N . 13.88 5.06 -7.69
O2 SO4 N . 11.53 4.77 -7.13
O3 SO4 N . 12.45 4.39 -9.36
O4 SO4 N . 12.97 2.88 -7.47
S SO4 O . -19.71 8.37 5.48
O1 SO4 O . -18.48 9.08 5.89
O2 SO4 O . -20.75 9.45 5.51
O3 SO4 O . -19.77 7.81 4.10
O4 SO4 O . -20.05 7.30 6.41
S SO4 P . -20.00 -12.25 -2.02
O1 SO4 P . -20.92 -11.76 -3.06
O2 SO4 P . -20.12 -11.33 -0.84
O3 SO4 P . -18.63 -12.38 -2.60
O4 SO4 P . -20.41 -13.61 -1.54
C TRS Q . 14.66 -2.95 -7.72
C1 TRS Q . 14.75 -1.91 -6.61
C2 TRS Q . 15.52 -4.17 -7.40
C3 TRS Q . 15.12 -2.34 -9.03
N TRS Q . 13.24 -3.42 -7.83
O1 TRS Q . 13.83 -0.86 -6.91
O2 TRS Q . 15.10 -4.76 -6.17
O3 TRS Q . 14.74 -3.12 -10.15
C1 LMP R . 4.90 6.68 -10.32
C2 LMP R . 5.55 6.44 -8.95
C3 LMP R . 4.40 5.82 -8.18
O7A LMP R . 8.55 2.84 -12.61
C6A LMP R . 7.46 2.34 -12.35
N7A LMP R . 6.65 1.85 -13.28
C9A LMP R . 5.49 1.00 -13.01
C8A LMP R . 6.87 2.08 -14.71
C5A LMP R . 7.01 2.22 -10.92
C2A LMP R . 6.18 3.43 -10.50
N3A LMP R . 8.18 2.15 -9.99
C4A LMP R . 7.79 2.83 -8.74
C1A LMP R . 6.61 3.74 -9.07
S21 LMP R . 7.06 5.43 -8.95
C31 LMP R . 4.56 5.45 -6.77
O31 LMP R . 5.73 5.43 -6.31
O32 LMP R . 3.50 5.11 -6.02
N4 LMP R . 3.32 5.72 -8.82
C11 LMP R . 4.98 8.18 -10.69
C5 LMP R . 3.47 6.08 -10.22
C6 LMP R . 2.21 6.89 -10.63
C61 LMP R . 1.95 8.23 -9.89
O62 LMP R . 2.45 8.32 -8.55
C62 LMP R . 0.46 8.56 -9.82
C7 LMP R . 2.32 7.16 -12.10
O71 LMP R . 1.76 8.11 -12.63
O72 LMP R . 2.94 6.27 -12.84
#